data_3WZO
#
_entry.id   3WZO
#
_cell.length_a   55.241
_cell.length_b   85.461
_cell.length_c   86.115
_cell.angle_alpha   90.00
_cell.angle_beta   90.00
_cell.angle_gamma   90.00
#
_symmetry.space_group_name_H-M   'P 21 21 21'
#
loop_
_entity.id
_entity.type
_entity.pdbx_description
1 polymer Streptavidin
2 non-polymer '6-({5-[(3aS,4S,5S,6aR)-5-oxido-2-oxohexahydro-1H-thieno[3,4-d]imidazol-4-yl]pentanoyl}amino)hexanoic acid'
3 non-polymer GLYCEROL
4 non-polymer 'CADMIUM ION'
5 non-polymer 'HEXAETHYLENE GLYCOL'
6 water water
#
_entity_poly.entity_id   1
_entity_poly.type   'polypeptide(L)'
_entity_poly.pdbx_seq_one_letter_code
;GPAEAGITGTWSDQLGDTFIVTAGADGALTGTYESAVGNAESRYVLTGRYDSAPATDGSGTALGWTVAWKNNSKNAHSAT
TWSGQYVGGADAKINTQWLLTSGTTNANAWKSTLVGHDTFTKVKPSAAS
;
_entity_poly.pdbx_strand_id   A,B,C,D
#
loop_
_chem_comp.id
_chem_comp.type
_chem_comp.name
_chem_comp.formula
CD non-polymer 'CADMIUM ION' 'Cd 2'
GOL non-polymer GLYCEROL 'C3 H8 O3'
P6G non-polymer 'HEXAETHYLENE GLYCOL' 'C12 H26 O7'
ZOE non-polymer '6-({5-[(3aS,4S,5S,6aR)-5-oxido-2-oxohexahydro-1H-thieno[3,4-d]imidazol-4-yl]pentanoyl}amino)hexanoic acid' 'C16 H27 N3 O5 S'
#
# COMPACT_ATOMS: atom_id res chain seq x y z
N GLY A 1 -20.01 24.04 6.07
CA GLY A 1 -20.85 22.85 6.36
C GLY A 1 -20.14 21.91 7.30
N PRO A 2 -20.75 20.72 7.52
CA PRO A 2 -20.20 19.76 8.48
C PRO A 2 -18.81 19.22 8.12
N ALA A 3 -18.44 19.07 6.86
CA ALA A 3 -17.05 18.60 6.59
C ALA A 3 -16.03 19.66 7.01
N GLU A 4 -16.35 20.94 6.75
CA GLU A 4 -15.41 22.04 7.07
C GLU A 4 -15.26 22.18 8.57
N ALA A 5 -16.37 22.10 9.26
CA ALA A 5 -16.38 22.29 10.69
C ALA A 5 -15.80 21.05 11.41
N GLY A 6 -16.09 19.87 10.86
CA GLY A 6 -15.56 18.63 11.42
C GLY A 6 -14.07 18.46 11.25
N ILE A 7 -13.57 18.73 10.03
CA ILE A 7 -12.18 18.47 9.76
C ILE A 7 -11.28 19.53 10.41
N THR A 8 -11.70 20.79 10.40
CA THR A 8 -10.87 21.88 10.94
C THR A 8 -10.63 21.74 12.42
N GLY A 9 -9.38 21.86 12.84
CA GLY A 9 -8.98 21.65 14.22
C GLY A 9 -7.66 20.90 14.35
N THR A 10 -7.48 20.34 15.52
CA THR A 10 -6.24 19.72 15.91
C THR A 10 -6.45 18.22 16.12
N TRP A 11 -5.53 17.44 15.60
CA TRP A 11 -5.65 15.97 15.48
C TRP A 11 -4.37 15.28 15.94
N SER A 12 -4.49 14.14 16.60
CA SER A 12 -3.30 13.45 17.00
C SER A 12 -3.52 11.94 17.01
N ASP A 13 -2.46 11.18 16.80
CA ASP A 13 -2.59 9.75 16.80
C ASP A 13 -2.01 9.15 18.07
N GLN A 14 -1.96 7.81 18.13
CA GLN A 14 -1.54 7.13 19.40
C GLN A 14 -0.05 7.34 19.73
N LEU A 15 0.76 7.72 18.73
CA LEU A 15 2.19 7.99 18.93
CA LEU A 15 2.18 8.00 18.92
C LEU A 15 2.46 9.45 19.31
N GLY A 16 1.44 10.30 19.22
CA GLY A 16 1.62 11.73 19.49
C GLY A 16 1.95 12.57 18.25
N ASP A 17 1.95 11.92 17.09
CA ASP A 17 2.03 12.67 15.83
C ASP A 17 0.77 13.54 15.82
N THR A 18 0.91 14.82 15.46
CA THR A 18 -0.16 15.78 15.63
C THR A 18 -0.22 16.73 14.42
N PHE A 19 -1.43 17.15 14.00
CA PHE A 19 -1.54 18.18 12.99
C PHE A 19 -2.64 19.14 13.29
N ILE A 20 -2.48 20.34 12.72
CA ILE A 20 -3.47 21.38 12.78
C ILE A 20 -3.85 21.66 11.33
N VAL A 21 -5.15 21.66 11.02
CA VAL A 21 -5.63 21.83 9.68
C VAL A 21 -6.87 22.72 9.65
N THR A 22 -7.02 23.43 8.53
CA THR A 22 -8.19 24.15 8.17
C THR A 22 -8.73 23.59 6.86
N ALA A 23 -10.00 23.23 6.86
CA ALA A 23 -10.77 22.76 5.74
C ALA A 23 -11.72 23.86 5.30
N GLY A 24 -11.56 24.32 4.08
CA GLY A 24 -12.47 25.32 3.52
C GLY A 24 -12.20 25.59 2.07
N ALA A 25 -12.74 26.69 1.57
CA ALA A 25 -12.63 26.98 0.10
C ALA A 25 -13.03 25.84 -0.83
N ASP A 26 -14.07 25.10 -0.48
CA ASP A 26 -14.69 24.13 -1.40
C ASP A 26 -13.68 23.04 -1.80
N GLY A 27 -12.93 22.61 -0.78
CA GLY A 27 -12.17 21.42 -0.86
C GLY A 27 -10.69 21.50 -0.56
N ALA A 28 -10.19 22.67 -0.13
CA ALA A 28 -8.79 22.81 0.30
C ALA A 28 -8.48 22.46 1.74
N LEU A 29 -7.31 21.84 1.96
CA LEU A 29 -6.79 21.57 3.32
C LEU A 29 -5.45 22.26 3.46
N THR A 30 -5.25 23.03 4.49
CA THR A 30 -3.98 23.67 4.73
CA THR A 30 -4.01 23.73 4.73
C THR A 30 -3.68 23.59 6.23
N GLY A 31 -2.43 23.36 6.56
CA GLY A 31 -2.00 23.35 7.96
C GLY A 31 -0.57 23.00 8.18
N THR A 32 -0.29 22.48 9.38
CA THR A 32 1.04 22.05 9.75
C THR A 32 0.97 20.69 10.40
N TYR A 33 2.01 19.91 10.22
CA TYR A 33 2.13 18.56 10.67
C TYR A 33 3.40 18.44 11.51
N GLU A 34 3.30 17.66 12.60
CA GLU A 34 4.47 17.35 13.43
C GLU A 34 4.50 15.87 13.73
N SER A 35 5.59 15.23 13.33
CA SER A 35 5.81 13.83 13.59
C SER A 35 6.53 13.64 14.89
N ALA A 36 6.10 12.66 15.66
CA ALA A 36 6.83 12.22 16.83
C ALA A 36 7.96 11.19 16.51
N VAL A 37 8.05 10.73 15.26
CA VAL A 37 8.98 9.71 14.89
C VAL A 37 9.72 10.09 13.61
N GLY A 38 10.82 9.43 13.42
CA GLY A 38 11.54 9.49 12.12
C GLY A 38 12.48 10.71 12.09
N ASN A 39 12.93 11.04 10.87
CA ASN A 39 13.91 12.09 10.63
C ASN A 39 13.13 13.40 10.41
N ALA A 40 12.61 13.90 11.54
CA ALA A 40 11.65 15.00 11.54
C ALA A 40 11.75 15.74 12.86
N GLU A 41 11.78 17.07 12.84
CA GLU A 41 11.75 17.88 14.09
C GLU A 41 10.84 19.09 13.80
N SER A 42 10.03 19.46 14.79
CA SER A 42 9.14 20.58 14.64
C SER A 42 8.10 20.37 13.51
N ARG A 43 7.65 21.47 12.92
CA ARG A 43 6.41 21.50 12.17
C ARG A 43 6.74 21.57 10.70
N TYR A 44 5.85 20.98 9.90
CA TYR A 44 6.06 20.92 8.40
C TYR A 44 4.74 21.35 7.76
N VAL A 45 4.82 21.94 6.57
CA VAL A 45 3.66 22.34 5.82
C VAL A 45 2.88 21.09 5.39
N LEU A 46 1.56 21.19 5.54
CA LEU A 46 0.59 20.19 5.09
C LEU A 46 -0.24 20.88 4.00
N THR A 47 -0.46 20.20 2.87
CA THR A 47 -1.47 20.65 1.95
C THR A 47 -2.24 19.47 1.39
N GLY A 48 -3.53 19.65 1.20
CA GLY A 48 -4.35 18.59 0.72
C GLY A 48 -5.71 19.00 0.23
N ARG A 49 -6.58 18.01 0.08
CA ARG A 49 -7.92 18.22 -0.42
C ARG A 49 -8.88 17.26 0.29
N TYR A 50 -10.14 17.69 0.32
CA TYR A 50 -11.22 16.92 0.86
C TYR A 50 -12.46 17.07 -0.01
N ASP A 51 -13.35 16.08 0.11
CA ASP A 51 -14.68 16.16 -0.52
C ASP A 51 -15.59 17.17 0.22
N SER A 52 -15.82 18.36 -0.37
CA SER A 52 -16.61 19.40 0.25
C SER A 52 -18.11 19.21 0.13
N ALA A 53 -18.58 18.13 -0.46
CA ALA A 53 -20.03 17.86 -0.40
C ALA A 53 -20.21 16.36 -0.21
N PRO A 54 -19.87 15.81 0.97
CA PRO A 54 -19.85 14.35 1.13
C PRO A 54 -21.25 13.71 1.04
N ALA A 55 -21.27 12.35 0.92
CA ALA A 55 -22.47 11.58 0.73
C ALA A 55 -23.28 11.89 1.96
N THR A 56 -24.57 11.91 1.80
CA THR A 56 -25.39 12.51 2.83
C THR A 56 -25.64 11.53 4.00
N ASP A 57 -25.74 10.23 3.72
CA ASP A 57 -26.31 9.33 4.73
C ASP A 57 -25.29 8.42 5.42
N GLY A 58 -24.53 9.02 6.32
CA GLY A 58 -23.65 8.29 7.22
C GLY A 58 -22.36 7.73 6.64
N SER A 59 -21.97 8.11 5.43
CA SER A 59 -20.64 7.79 4.95
C SER A 59 -19.61 8.75 5.55
N GLY A 60 -18.35 8.38 5.41
CA GLY A 60 -17.27 9.23 5.77
C GLY A 60 -17.01 10.25 4.66
N THR A 61 -16.17 11.22 4.96
CA THR A 61 -15.74 12.26 4.07
C THR A 61 -14.30 11.96 3.60
N ALA A 62 -14.13 11.69 2.30
CA ALA A 62 -12.81 11.39 1.73
C ALA A 62 -11.91 12.62 1.77
N LEU A 63 -10.65 12.37 2.13
CA LEU A 63 -9.65 13.42 2.13
C LEU A 63 -8.24 12.81 1.96
N GLY A 64 -7.31 13.67 1.64
CA GLY A 64 -5.89 13.34 1.54
C GLY A 64 -5.01 14.55 1.76
N TRP A 65 -3.79 14.31 2.22
CA TRP A 65 -2.83 15.40 2.27
C TRP A 65 -1.39 14.91 2.06
N THR A 66 -0.49 15.88 1.86
CA THR A 66 0.89 15.60 1.57
C THR A 66 1.75 16.47 2.51
N VAL A 67 2.84 15.88 2.96
CA VAL A 67 3.91 16.59 3.68
C VAL A 67 5.23 16.22 3.03
N ALA A 68 5.98 17.22 2.52
CA ALA A 68 7.39 16.99 2.23
C ALA A 68 8.23 17.34 3.48
N TRP A 69 9.16 16.47 3.80
CA TRP A 69 9.86 16.47 5.11
C TRP A 69 11.09 17.41 5.01
N LYS A 70 10.83 18.61 4.56
CA LYS A 70 11.78 19.72 4.60
C LYS A 70 11.07 20.92 5.25
N ASN A 71 11.73 21.52 6.24
CA ASN A 71 11.23 22.73 6.87
C ASN A 71 12.39 23.68 7.05
N ASN A 72 12.31 24.64 7.97
CA ASN A 72 13.36 25.61 8.04
C ASN A 72 14.69 25.12 8.55
N SER A 73 14.75 23.92 9.14
CA SER A 73 16.00 23.46 9.73
C SER A 73 16.36 22.01 9.40
N LYS A 74 15.46 21.27 8.77
CA LYS A 74 15.69 19.84 8.50
C LYS A 74 15.23 19.46 7.10
N ASN A 75 15.90 18.52 6.47
CA ASN A 75 15.46 18.00 5.17
C ASN A 75 15.78 16.50 5.13
N ALA A 76 14.70 15.69 5.18
CA ALA A 76 14.79 14.26 5.11
C ALA A 76 14.67 13.66 3.68
N HIS A 77 14.63 14.50 2.66
CA HIS A 77 14.56 14.08 1.25
C HIS A 77 13.46 13.04 0.99
N SER A 78 12.25 13.36 1.45
CA SER A 78 11.15 12.44 1.41
C SER A 78 9.87 13.19 1.51
N ALA A 79 8.82 12.52 1.04
CA ALA A 79 7.45 13.02 1.17
C ALA A 79 6.50 11.91 1.47
N THR A 80 5.54 12.23 2.32
CA THR A 80 4.48 11.35 2.65
C THR A 80 3.15 11.90 2.21
N THR A 81 2.29 10.99 1.76
CA THR A 81 0.93 11.29 1.54
C THR A 81 0.05 10.40 2.43
N TRP A 82 -1.05 10.97 2.94
CA TRP A 82 -2.10 10.20 3.70
C TRP A 82 -3.40 10.28 2.89
N SER A 83 -4.04 9.15 2.67
CA SER A 83 -5.37 9.05 2.01
C SER A 83 -6.31 8.39 2.99
N GLY A 84 -7.49 8.96 3.22
CA GLY A 84 -8.36 8.41 4.19
C GLY A 84 -9.70 9.08 4.19
N GLN A 85 -10.40 8.93 5.33
CA GLN A 85 -11.68 9.59 5.48
C GLN A 85 -11.89 10.09 6.88
N TYR A 86 -12.66 11.15 6.90
CA TYR A 86 -13.13 11.74 8.14
C TYR A 86 -14.50 11.21 8.57
N VAL A 87 -14.61 10.90 9.86
CA VAL A 87 -15.94 10.69 10.54
C VAL A 87 -16.11 11.50 11.80
N GLY A 88 -17.27 12.13 11.93
CA GLY A 88 -17.54 13.04 13.08
C GLY A 88 -18.07 12.28 14.26
N GLY A 89 -18.77 12.99 15.15
CA GLY A 89 -19.21 12.46 16.44
C GLY A 89 -18.24 12.94 17.49
N ALA A 90 -18.49 12.62 18.76
CA ALA A 90 -17.66 13.13 19.93
C ALA A 90 -16.22 12.56 19.81
N ASP A 91 -16.07 11.30 19.40
CA ASP A 91 -14.70 10.73 19.15
C ASP A 91 -14.39 10.75 17.66
N ALA A 92 -14.33 11.95 17.10
CA ALA A 92 -14.12 12.13 15.67
C ALA A 92 -12.78 11.56 15.25
N LYS A 93 -12.75 10.91 14.10
CA LYS A 93 -11.55 10.19 13.63
C LYS A 93 -11.23 10.57 12.17
N ILE A 94 -9.94 10.59 11.90
CA ILE A 94 -9.46 10.58 10.46
C ILE A 94 -8.64 9.30 10.33
N ASN A 95 -9.17 8.34 9.56
CA ASN A 95 -8.57 7.07 9.39
C ASN A 95 -7.85 7.04 8.03
N THR A 96 -6.56 6.77 8.05
CA THR A 96 -5.76 6.85 6.83
C THR A 96 -4.80 5.68 6.64
N GLN A 97 -4.42 5.51 5.38
CA GLN A 97 -3.22 4.85 5.03
C GLN A 97 -2.25 5.86 4.44
N TRP A 98 -0.96 5.59 4.55
CA TRP A 98 0.06 6.55 4.07
C TRP A 98 1.16 5.84 3.26
N LEU A 99 1.76 6.64 2.40
CA LEU A 99 2.89 6.22 1.60
C LEU A 99 4.01 7.27 1.81
N LEU A 100 5.21 6.82 2.23
CA LEU A 100 6.35 7.69 2.44
C LEU A 100 7.41 7.29 1.42
N THR A 101 7.71 8.18 0.44
CA THR A 101 8.77 7.90 -0.54
C THR A 101 9.99 8.79 -0.28
N SER A 102 11.14 8.15 -0.39
CA SER A 102 12.43 8.82 -0.32
C SER A 102 12.99 8.97 -1.73
N GLY A 103 13.72 10.07 -1.94
CA GLY A 103 14.55 10.18 -3.15
C GLY A 103 15.60 9.09 -3.05
N THR A 104 15.74 8.30 -4.12
CA THR A 104 16.74 7.24 -4.20
C THR A 104 17.42 7.28 -5.56
N THR A 105 18.48 6.51 -5.68
CA THR A 105 19.03 6.12 -6.95
C THR A 105 18.07 5.20 -7.72
N ASN A 106 18.27 5.10 -9.01
CA ASN A 106 17.40 4.25 -9.80
C ASN A 106 17.60 2.80 -9.32
N ALA A 107 18.83 2.43 -8.98
CA ALA A 107 19.12 1.04 -8.46
C ALA A 107 18.33 0.70 -7.16
N ASN A 108 18.08 1.70 -6.32
CA ASN A 108 17.38 1.53 -5.06
C ASN A 108 15.93 1.96 -5.10
N ALA A 109 15.37 2.27 -6.26
CA ALA A 109 13.97 2.73 -6.31
C ALA A 109 13.01 1.68 -5.77
N TRP A 110 13.32 0.41 -5.93
CA TRP A 110 12.44 -0.67 -5.42
C TRP A 110 12.17 -0.55 -3.89
N LYS A 111 13.12 0.07 -3.15
CA LYS A 111 12.97 0.26 -1.73
C LYS A 111 12.74 1.72 -1.33
N SER A 112 12.09 2.47 -2.20
CA SER A 112 11.91 3.87 -1.97
C SER A 112 10.70 4.20 -1.13
N THR A 113 9.73 3.28 -0.98
CA THR A 113 8.38 3.69 -0.48
C THR A 113 7.94 2.80 0.68
N LEU A 114 7.78 3.44 1.85
CA LEU A 114 7.20 2.79 3.01
C LEU A 114 5.70 2.99 2.99
N VAL A 115 4.96 2.07 3.64
CA VAL A 115 3.53 2.15 3.72
C VAL A 115 3.08 1.86 5.16
N GLY A 116 2.01 2.51 5.57
CA GLY A 116 1.51 2.25 6.91
C GLY A 116 0.07 2.78 7.09
N HIS A 117 -0.42 2.68 8.35
CA HIS A 117 -1.76 3.08 8.70
CA HIS A 117 -1.76 3.10 8.69
C HIS A 117 -1.66 4.12 9.82
N ASP A 118 -2.61 5.04 9.90
CA ASP A 118 -2.55 6.13 10.89
C ASP A 118 -4.00 6.55 11.15
N THR A 119 -4.46 6.37 12.39
CA THR A 119 -5.77 6.81 12.80
C THR A 119 -5.56 7.96 13.77
N PHE A 120 -6.15 9.08 13.43
CA PHE A 120 -6.05 10.28 14.21
C PHE A 120 -7.40 10.51 14.90
N THR A 121 -7.33 11.13 16.06
CA THR A 121 -8.52 11.47 16.81
CA THR A 121 -8.51 11.46 16.86
C THR A 121 -8.47 12.98 17.10
N LYS A 122 -9.62 13.65 17.00
CA LYS A 122 -9.65 15.10 17.09
C LYS A 122 -9.60 15.50 18.56
N VAL A 123 -8.77 16.48 18.85
CA VAL A 123 -8.80 17.06 20.17
C VAL A 123 -10.16 17.76 20.37
N LYS A 124 -10.87 17.41 21.44
CA LYS A 124 -12.19 18.00 21.75
CA LYS A 124 -12.18 18.00 21.76
C LYS A 124 -12.02 19.33 22.50
N PRO A 125 -13.02 20.25 22.38
CA PRO A 125 -12.95 21.49 23.19
C PRO A 125 -12.82 21.18 24.69
N SER A 126 -13.48 20.13 25.18
CA SER A 126 -13.35 19.72 26.58
C SER A 126 -11.90 19.43 27.05
N ALA A 127 -10.96 19.25 26.12
CA ALA A 127 -9.56 19.04 26.51
C ALA A 127 -8.98 20.31 27.14
N GLY B 1 15.54 26.15 -9.56
CA GLY B 1 16.56 25.07 -9.62
C GLY B 1 16.08 23.89 -10.47
N PRO B 2 16.90 22.84 -10.54
CA PRO B 2 16.53 21.68 -11.36
C PRO B 2 15.24 20.97 -10.94
N ALA B 3 14.93 20.92 -9.65
CA ALA B 3 13.67 20.29 -9.22
C ALA B 3 12.45 21.05 -9.72
N GLU B 4 12.50 22.39 -9.64
CA GLU B 4 11.43 23.25 -10.12
C GLU B 4 11.24 23.18 -11.64
N ALA B 5 12.33 23.38 -12.35
CA ALA B 5 12.33 23.26 -13.84
C ALA B 5 12.00 21.82 -14.30
N GLY B 6 12.48 20.82 -13.56
CA GLY B 6 12.14 19.45 -13.90
C GLY B 6 10.69 19.05 -13.70
N ILE B 7 10.11 19.38 -12.56
CA ILE B 7 8.78 18.90 -12.29
C ILE B 7 7.73 19.73 -13.06
N THR B 8 7.96 21.04 -13.15
CA THR B 8 7.02 21.92 -13.78
C THR B 8 6.80 21.54 -15.25
N GLY B 9 5.53 21.44 -15.60
CA GLY B 9 5.12 21.02 -16.88
C GLY B 9 3.92 20.11 -16.94
N THR B 10 3.77 19.45 -18.05
CA THR B 10 2.69 18.51 -18.26
C THR B 10 3.19 17.06 -18.36
N TRP B 11 2.46 16.16 -17.70
CA TRP B 11 2.85 14.78 -17.49
C TRP B 11 1.69 13.86 -17.85
N SER B 12 2.02 12.72 -18.47
CA SER B 12 1.01 11.77 -18.83
C SER B 12 1.47 10.33 -18.59
N ASP B 13 0.53 9.46 -18.22
CA ASP B 13 0.83 8.04 -18.13
C ASP B 13 0.36 7.29 -19.40
N GLN B 14 0.61 5.98 -19.42
CA GLN B 14 0.25 5.08 -20.52
C GLN B 14 -1.23 5.03 -20.88
N LEU B 15 -2.12 5.30 -19.91
CA LEU B 15 -3.56 5.32 -20.10
C LEU B 15 -4.07 6.70 -20.58
N GLY B 16 -3.20 7.72 -20.54
CA GLY B 16 -3.50 9.08 -20.95
C GLY B 16 -4.00 9.89 -19.79
N ASP B 17 -3.86 9.35 -18.57
CA ASP B 17 -4.08 10.21 -17.41
C ASP B 17 -3.03 11.33 -17.45
N THR B 18 -3.44 12.59 -17.27
CA THR B 18 -2.56 13.75 -17.53
C THR B 18 -2.73 14.75 -16.46
N PHE B 19 -1.62 15.32 -16.03
CA PHE B 19 -1.65 16.47 -15.12
C PHE B 19 -0.72 17.57 -15.58
N ILE B 20 -1.06 18.77 -15.16
CA ILE B 20 -0.30 19.98 -15.37
C ILE B 20 0.09 20.49 -14.00
N VAL B 21 1.38 20.76 -13.77
CA VAL B 21 1.80 21.16 -12.44
C VAL B 21 2.85 22.23 -12.48
N THR B 22 2.80 23.10 -11.47
CA THR B 22 3.85 24.06 -11.25
C THR B 22 4.48 23.71 -9.93
N ALA B 23 5.81 23.60 -9.95
CA ALA B 23 6.61 23.34 -8.76
C ALA B 23 7.38 24.61 -8.44
N GLY B 24 7.22 25.15 -7.22
CA GLY B 24 8.06 26.26 -6.78
C GLY B 24 7.70 26.71 -5.38
N ALA B 25 8.03 27.96 -5.04
CA ALA B 25 7.77 28.47 -3.69
C ALA B 25 8.38 27.57 -2.61
N ASP B 26 9.54 26.99 -2.89
CA ASP B 26 10.31 26.25 -1.90
C ASP B 26 9.50 25.03 -1.46
N GLY B 27 8.81 24.36 -2.40
CA GLY B 27 8.16 23.09 -2.02
C GLY B 27 6.73 22.84 -2.41
N ALA B 28 6.03 23.81 -2.99
CA ALA B 28 4.62 23.67 -3.36
C ALA B 28 4.43 23.10 -4.76
N LEU B 29 3.50 22.16 -4.87
CA LEU B 29 2.99 21.71 -6.14
C LEU B 29 1.54 22.19 -6.28
N THR B 30 1.21 22.80 -7.40
CA THR B 30 -0.13 23.24 -7.69
C THR B 30 -0.47 22.93 -9.10
N GLY B 31 -1.71 22.55 -9.35
CA GLY B 31 -2.11 22.37 -10.76
C GLY B 31 -3.45 21.68 -10.92
N THR B 32 -3.59 20.88 -11.97
CA THR B 32 -4.81 20.21 -12.31
C THR B 32 -4.53 18.81 -12.85
N TYR B 33 -5.47 17.91 -12.57
CA TYR B 33 -5.31 16.50 -12.87
C TYR B 33 -6.49 16.04 -13.70
N GLU B 34 -6.24 15.24 -14.73
CA GLU B 34 -7.34 14.71 -15.53
C GLU B 34 -7.16 13.22 -15.72
N SER B 35 -8.09 12.45 -15.16
CA SER B 35 -8.04 10.98 -15.27
C SER B 35 -8.77 10.53 -16.49
N ALA B 36 -8.23 9.53 -17.16
CA ALA B 36 -8.85 8.92 -18.30
C ALA B 36 -9.66 7.69 -17.90
N VAL B 37 -9.67 7.33 -16.61
CA VAL B 37 -10.38 6.15 -16.12
C VAL B 37 -11.16 6.50 -14.86
N GLY B 38 -12.13 5.65 -14.54
CA GLY B 38 -12.88 5.77 -13.29
C GLY B 38 -14.00 6.77 -13.35
N ASN B 39 -14.52 7.14 -12.19
CA ASN B 39 -15.63 8.09 -12.13
C ASN B 39 -15.14 9.52 -12.06
N ALA B 40 -14.75 10.00 -13.22
CA ALA B 40 -14.01 11.24 -13.31
C ALA B 40 -14.21 11.78 -14.73
N GLU B 41 -14.36 13.09 -14.86
CA GLU B 41 -14.42 13.73 -16.14
C GLU B 41 -13.82 15.11 -15.98
N SER B 42 -13.09 15.56 -16.99
CA SER B 42 -12.48 16.85 -17.00
C SER B 42 -11.44 17.01 -15.88
N ARG B 43 -11.15 18.26 -15.49
CA ARG B 43 -9.98 18.58 -14.63
C ARG B 43 -10.39 18.69 -13.13
N TYR B 44 -9.45 18.29 -12.29
CA TYR B 44 -9.58 18.34 -10.83
C TYR B 44 -8.39 19.10 -10.25
N VAL B 45 -8.64 19.85 -9.16
CA VAL B 45 -7.56 20.55 -8.54
C VAL B 45 -6.57 19.55 -7.99
N LEU B 46 -5.28 19.83 -8.20
CA LEU B 46 -4.16 19.12 -7.54
C LEU B 46 -3.37 20.04 -6.64
N THR B 47 -3.03 19.53 -5.46
CA THR B 47 -2.13 20.25 -4.54
C THR B 47 -1.16 19.23 -3.91
N GLY B 48 0.08 19.64 -3.73
CA GLY B 48 1.06 18.79 -3.14
C GLY B 48 2.29 19.49 -2.70
N ARG B 49 3.35 18.68 -2.47
CA ARG B 49 4.64 19.20 -2.00
C ARG B 49 5.77 18.39 -2.63
N TYR B 50 6.95 18.99 -2.71
CA TYR B 50 8.13 18.31 -3.22
C TYR B 50 9.34 18.78 -2.42
N ASP B 51 10.40 17.96 -2.43
CA ASP B 51 11.68 18.33 -1.89
C ASP B 51 12.35 19.42 -2.72
N SER B 52 12.48 20.64 -2.21
CA SER B 52 13.03 21.71 -3.06
C SER B 52 14.54 21.85 -2.96
N ALA B 53 15.20 20.96 -2.23
CA ALA B 53 16.66 20.91 -2.16
C ALA B 53 17.10 19.43 -2.13
N PRO B 54 16.86 18.72 -3.23
CA PRO B 54 17.12 17.26 -3.26
C PRO B 54 18.62 16.90 -3.25
N ALA B 55 18.91 15.65 -2.86
CA ALA B 55 20.26 15.10 -2.97
C ALA B 55 20.61 15.06 -4.46
N THR B 56 21.67 15.74 -4.83
CA THR B 56 21.96 16.04 -6.25
C THR B 56 22.88 15.00 -6.89
N ASP B 57 23.06 13.89 -6.21
CA ASP B 57 24.20 13.04 -6.43
C ASP B 57 23.77 11.74 -7.08
N GLY B 58 22.75 11.85 -7.96
CA GLY B 58 22.12 10.70 -8.61
C GLY B 58 20.78 10.21 -8.02
N SER B 59 20.25 10.88 -7.00
CA SER B 59 18.97 10.50 -6.43
C SER B 59 17.86 11.29 -7.05
N GLY B 60 16.68 10.69 -7.08
CA GLY B 60 15.44 11.36 -7.46
C GLY B 60 15.01 12.37 -6.45
N THR B 61 13.95 13.08 -6.80
CA THR B 61 13.42 14.16 -5.96
C THR B 61 12.09 13.67 -5.50
N ALA B 62 11.91 13.57 -4.19
CA ALA B 62 10.67 13.07 -3.61
C ALA B 62 9.55 14.10 -3.72
N LEU B 63 8.34 13.59 -3.95
CA LEU B 63 7.17 14.44 -4.04
C LEU B 63 5.91 13.64 -3.82
N GLY B 64 4.83 14.36 -3.63
CA GLY B 64 3.52 13.75 -3.54
C GLY B 64 2.46 14.79 -3.84
N TRP B 65 1.28 14.31 -4.17
CA TRP B 65 0.13 15.23 -4.29
C TRP B 65 -1.18 14.54 -4.05
N THR B 66 -2.22 15.36 -3.91
CA THR B 66 -3.56 14.93 -3.63
C THR B 66 -4.55 15.50 -4.66
N VAL B 67 -5.54 14.68 -5.01
CA VAL B 67 -6.73 15.12 -5.79
C VAL B 67 -7.99 14.62 -5.04
N ALA B 68 -8.88 15.55 -4.68
CA ALA B 68 -10.26 15.19 -4.31
C ALA B 68 -11.10 15.15 -5.59
N TRP B 69 -11.86 14.06 -5.78
CA TRP B 69 -12.52 13.80 -7.09
C TRP B 69 -13.91 14.51 -7.12
N LYS B 70 -13.91 15.81 -6.78
CA LYS B 70 -15.04 16.66 -6.96
C LYS B 70 -14.57 17.86 -7.77
N ASN B 71 -15.34 18.18 -8.80
CA ASN B 71 -15.12 19.39 -9.60
C ASN B 71 -16.50 19.96 -9.95
N ASN B 72 -16.59 20.84 -10.95
CA ASN B 72 -17.87 21.46 -11.25
C ASN B 72 -18.87 20.49 -11.85
N SER B 73 -18.41 19.38 -12.41
CA SER B 73 -19.25 18.41 -13.12
C SER B 73 -19.58 17.12 -12.37
N LYS B 74 -18.72 16.71 -11.43
CA LYS B 74 -18.79 15.39 -10.85
C LYS B 74 -18.31 15.40 -9.42
N ASN B 75 -18.88 14.52 -8.60
CA ASN B 75 -18.32 14.21 -7.33
C ASN B 75 -18.36 12.69 -7.09
N ALA B 76 -17.19 12.08 -7.06
CA ALA B 76 -17.01 10.67 -6.79
C ALA B 76 -16.75 10.30 -5.33
N HIS B 77 -16.91 11.25 -4.40
CA HIS B 77 -16.82 11.04 -2.89
C HIS B 77 -15.57 10.20 -2.56
N SER B 78 -14.43 10.66 -3.14
CA SER B 78 -13.16 9.97 -2.99
C SER B 78 -12.04 10.93 -3.20
N ALA B 79 -10.88 10.51 -2.72
CA ALA B 79 -9.65 11.28 -2.93
C ALA B 79 -8.49 10.38 -3.14
N THR B 80 -7.55 10.80 -4.01
CA THR B 80 -6.35 10.01 -4.22
C THR B 80 -5.10 10.78 -3.89
N THR B 81 -4.10 10.09 -3.35
CA THR B 81 -2.79 10.66 -3.11
C THR B 81 -1.77 9.80 -3.84
N TRP B 82 -0.82 10.49 -4.45
CA TRP B 82 0.32 9.87 -5.10
C TRP B 82 1.58 10.28 -4.37
N SER B 83 2.43 9.29 -4.13
CA SER B 83 3.71 9.44 -3.47
C SER B 83 4.78 8.81 -4.39
N GLY B 84 5.85 9.53 -4.61
CA GLY B 84 6.82 9.11 -5.59
C GLY B 84 8.03 10.00 -5.68
N GLN B 85 8.69 9.88 -6.83
CA GLN B 85 9.84 10.72 -7.08
C GLN B 85 9.98 11.09 -8.52
N TYR B 86 10.57 12.26 -8.74
CA TYR B 86 10.88 12.82 -10.10
C TYR B 86 12.28 12.40 -10.41
N VAL B 87 12.47 11.85 -11.61
CA VAL B 87 13.78 11.53 -12.15
CA VAL B 87 13.82 11.61 -12.13
C VAL B 87 13.99 12.28 -13.48
N GLY B 88 15.11 12.95 -13.64
CA GLY B 88 15.32 13.73 -14.87
C GLY B 88 15.84 12.92 -16.05
N GLY B 89 16.36 13.62 -17.04
CA GLY B 89 16.89 12.99 -18.27
C GLY B 89 16.05 13.30 -19.50
N ALA B 90 16.38 12.70 -20.64
CA ALA B 90 15.57 12.92 -21.83
C ALA B 90 14.16 12.37 -21.61
N ASP B 91 14.06 11.19 -21.01
CA ASP B 91 12.78 10.53 -20.76
C ASP B 91 12.45 10.71 -19.29
N ALA B 92 12.27 11.95 -18.91
CA ALA B 92 12.03 12.28 -17.49
C ALA B 92 10.77 11.62 -17.05
N LYS B 93 10.78 11.17 -15.80
CA LYS B 93 9.67 10.41 -15.21
C LYS B 93 9.32 10.84 -13.79
N ILE B 94 8.04 10.64 -13.48
CA ILE B 94 7.55 10.72 -12.10
C ILE B 94 7.00 9.34 -11.86
N ASN B 95 7.64 8.63 -10.92
CA ASN B 95 7.31 7.25 -10.62
CA ASN B 95 7.26 7.27 -10.64
C ASN B 95 6.61 7.27 -9.27
N THR B 96 5.39 6.77 -9.22
CA THR B 96 4.56 6.86 -8.00
C THR B 96 3.87 5.57 -7.62
N GLN B 97 3.46 5.53 -6.35
CA GLN B 97 2.35 4.65 -5.91
C GLN B 97 1.21 5.51 -5.43
N TRP B 98 -0.01 5.02 -5.45
CA TRP B 98 -1.16 5.84 -5.11
C TRP B 98 -2.09 5.07 -4.22
N LEU B 99 -2.82 5.87 -3.45
CA LEU B 99 -3.89 5.38 -2.60
C LEU B 99 -5.19 6.18 -2.87
N LEU B 100 -6.29 5.49 -3.14
CA LEU B 100 -7.56 6.09 -3.49
C LEU B 100 -8.57 5.68 -2.43
N THR B 101 -9.01 6.61 -1.61
CA THR B 101 -9.97 6.28 -0.54
C THR B 101 -11.33 6.86 -0.88
N SER B 102 -12.34 6.04 -0.73
CA SER B 102 -13.73 6.47 -0.88
C SER B 102 -14.34 6.70 0.47
N GLY B 103 -15.22 7.69 0.55
CA GLY B 103 -16.04 7.85 1.74
C GLY B 103 -16.94 6.62 1.90
N THR B 104 -17.01 6.01 3.09
CA THR B 104 -17.85 4.80 3.25
C THR B 104 -18.62 4.85 4.58
N THR B 105 -19.62 3.99 4.69
CA THR B 105 -20.22 3.62 5.95
C THR B 105 -19.15 2.87 6.75
N ASN B 106 -19.34 2.75 8.06
CA ASN B 106 -18.29 2.15 8.87
C ASN B 106 -18.15 0.66 8.52
N ALA B 107 -19.28 0.06 8.13
CA ALA B 107 -19.32 -1.33 7.68
C ALA B 107 -18.47 -1.67 6.44
N ASN B 108 -18.34 -0.71 5.55
CA ASN B 108 -17.58 -0.86 4.34
C ASN B 108 -16.20 -0.24 4.44
N ALA B 109 -15.82 0.27 5.62
CA ALA B 109 -14.55 0.96 5.73
C ALA B 109 -13.36 0.03 5.43
N TRP B 110 -13.48 -1.28 5.72
CA TRP B 110 -12.36 -2.17 5.50
C TRP B 110 -12.00 -2.18 4.01
N LYS B 111 -12.94 -1.85 3.11
CA LYS B 111 -12.75 -1.89 1.65
C LYS B 111 -12.75 -0.49 1.03
N SER B 112 -12.34 0.50 1.82
CA SER B 112 -12.41 1.87 1.36
C SER B 112 -11.26 2.32 0.50
N THR B 113 -10.14 1.57 0.48
CA THR B 113 -8.90 2.12 -0.09
C THR B 113 -8.24 1.18 -1.09
N LEU B 114 -8.18 1.69 -2.35
CA LEU B 114 -7.44 1.05 -3.47
C LEU B 114 -6.02 1.54 -3.50
N VAL B 115 -5.12 0.68 -3.98
CA VAL B 115 -3.74 1.01 -4.11
C VAL B 115 -3.32 0.64 -5.54
N GLY B 116 -2.40 1.41 -6.08
CA GLY B 116 -1.79 1.11 -7.37
C GLY B 116 -0.52 1.85 -7.59
N HIS B 117 -0.01 1.73 -8.85
CA HIS B 117 1.25 2.40 -9.23
CA HIS B 117 1.25 2.36 -9.23
C HIS B 117 0.95 3.25 -10.46
N ASP B 118 1.74 4.30 -10.67
CA ASP B 118 1.50 5.16 -11.87
C ASP B 118 2.88 5.75 -12.22
N THR B 119 3.33 5.58 -13.48
CA THR B 119 4.53 6.22 -13.94
C THR B 119 4.09 7.17 -15.03
N PHE B 120 4.53 8.42 -14.87
CA PHE B 120 4.26 9.52 -15.81
C PHE B 120 5.52 9.88 -16.54
N THR B 121 5.35 10.19 -17.85
CA THR B 121 6.42 10.74 -18.68
CA THR B 121 6.42 10.71 -18.69
C THR B 121 6.09 12.18 -19.03
N LYS B 122 7.12 13.01 -19.12
CA LYS B 122 6.89 14.42 -19.35
C LYS B 122 6.60 14.73 -20.81
N VAL B 123 5.51 15.44 -21.08
N VAL B 123 5.58 15.51 -21.09
CA VAL B 123 5.05 15.78 -22.46
CA VAL B 123 5.41 16.11 -22.41
C VAL B 123 5.38 17.22 -22.92
C VAL B 123 6.56 17.11 -22.70
N LYS B 124 5.33 18.20 -22.02
N LYS B 124 7.14 17.08 -23.89
CA LYS B 124 5.79 19.57 -22.31
CA LYS B 124 8.25 17.97 -24.20
C LYS B 124 6.15 20.26 -21.02
C LYS B 124 7.79 19.38 -24.48
N GLY C 1 11.39 -23.36 18.94
CA GLY C 1 11.77 -22.09 19.65
C GLY C 1 10.59 -21.16 19.85
N PRO C 2 10.84 -19.95 20.38
CA PRO C 2 9.77 -19.00 20.72
C PRO C 2 8.95 -18.41 19.55
N ALA C 3 9.50 -18.45 18.33
CA ALA C 3 8.75 -18.01 17.16
C ALA C 3 7.64 -19.04 16.88
N GLU C 4 7.99 -20.32 16.94
CA GLU C 4 7.06 -21.42 16.62
C GLU C 4 5.94 -21.53 17.65
N ALA C 5 6.33 -21.53 18.92
CA ALA C 5 5.38 -21.60 20.02
C ALA C 5 4.54 -20.33 20.00
N GLY C 6 5.23 -19.22 19.72
CA GLY C 6 4.62 -17.92 19.71
C GLY C 6 3.51 -17.87 18.67
N ILE C 7 3.84 -18.19 17.41
CA ILE C 7 2.88 -17.94 16.31
C ILE C 7 1.76 -18.99 16.27
N THR C 8 2.09 -20.23 16.60
CA THR C 8 1.11 -21.30 16.54
C THR C 8 -0.04 -21.02 17.52
N GLY C 9 -1.27 -21.08 16.99
CA GLY C 9 -2.48 -20.94 17.79
C GLY C 9 -3.61 -20.30 16.99
N THR C 10 -4.55 -19.69 17.68
CA THR C 10 -5.72 -19.12 17.12
C THR C 10 -5.63 -17.64 17.38
N TRP C 11 -5.83 -16.86 16.34
CA TRP C 11 -5.71 -15.39 16.40
C TRP C 11 -6.99 -14.72 15.90
N SER C 12 -7.29 -13.51 16.42
CA SER C 12 -8.43 -12.74 15.95
C SER C 12 -8.18 -11.25 16.01
N ASP C 13 -8.80 -10.55 15.08
CA ASP C 13 -8.80 -9.12 15.06
C ASP C 13 -10.07 -8.58 15.68
N GLN C 14 -10.21 -7.24 15.64
CA GLN C 14 -11.29 -6.54 16.31
C GLN C 14 -12.65 -6.80 15.73
N LEU C 15 -12.69 -7.23 14.47
CA LEU C 15 -13.92 -7.44 13.74
C LEU C 15 -14.37 -8.88 13.89
N GLY C 16 -13.53 -9.72 14.48
CA GLY C 16 -13.81 -11.16 14.62
C GLY C 16 -13.19 -12.00 13.52
N ASP C 17 -12.43 -11.40 12.63
CA ASP C 17 -11.74 -12.19 11.64
C ASP C 17 -10.74 -13.07 12.37
N THR C 18 -10.69 -14.36 12.07
CA THR C 18 -9.94 -15.31 12.88
C THR C 18 -9.18 -16.29 12.00
N PHE C 19 -7.97 -16.60 12.41
CA PHE C 19 -7.23 -17.66 11.73
C PHE C 19 -6.64 -18.61 12.72
N ILE C 20 -6.43 -19.83 12.25
CA ILE C 20 -5.90 -20.87 13.10
C ILE C 20 -4.65 -21.28 12.33
N VAL C 21 -3.45 -21.22 12.93
CA VAL C 21 -2.19 -21.46 12.23
C VAL C 21 -1.22 -22.32 13.04
N THR C 22 -0.44 -23.09 12.29
CA THR C 22 0.68 -23.81 12.77
C THR C 22 1.97 -23.29 12.07
N ALA C 23 2.93 -22.91 12.89
CA ALA C 23 4.18 -22.46 12.47
C ALA C 23 5.21 -23.50 12.80
N GLY C 24 5.98 -23.92 11.82
CA GLY C 24 7.05 -24.88 12.18
C GLY C 24 7.84 -25.21 10.97
N ALA C 25 8.52 -26.35 10.99
CA ALA C 25 9.27 -26.81 9.78
C ALA C 25 10.25 -25.76 9.26
N ASP C 26 10.89 -25.04 10.17
CA ASP C 26 11.90 -24.04 9.74
C ASP C 26 11.30 -22.99 8.74
N GLY C 27 10.04 -22.64 8.89
CA GLY C 27 9.54 -21.40 8.33
C GLY C 27 8.17 -21.45 7.66
N ALA C 28 7.45 -22.58 7.83
CA ALA C 28 6.13 -22.75 7.23
C ALA C 28 4.97 -22.30 8.12
N LEU C 29 4.02 -21.63 7.53
CA LEU C 29 2.73 -21.36 8.17
C LEU C 29 1.67 -22.07 7.38
N THR C 30 0.76 -22.76 8.09
CA THR C 30 -0.30 -23.54 7.48
C THR C 30 -1.49 -23.43 8.41
N GLY C 31 -2.68 -23.30 7.84
CA GLY C 31 -3.91 -23.30 8.62
C GLY C 31 -5.10 -22.82 7.84
N THR C 32 -6.05 -22.22 8.53
CA THR C 32 -7.24 -21.74 7.90
C THR C 32 -7.57 -20.33 8.40
N TYR C 33 -8.32 -19.60 7.57
CA TYR C 33 -8.66 -18.22 7.83
C TYR C 33 -10.16 -18.08 7.64
N GLU C 34 -10.83 -17.43 8.56
CA GLU C 34 -12.24 -17.07 8.37
C GLU C 34 -12.48 -15.59 8.51
N SER C 35 -12.99 -14.96 7.45
CA SER C 35 -13.35 -13.52 7.49
C SER C 35 -14.74 -13.35 8.01
N ALA C 36 -14.93 -12.36 8.86
CA ALA C 36 -16.24 -11.96 9.27
C ALA C 36 -16.88 -10.94 8.37
N VAL C 37 -16.09 -10.41 7.42
CA VAL C 37 -16.59 -9.42 6.49
C VAL C 37 -16.36 -9.86 5.01
N GLY C 38 -17.09 -9.18 4.13
CA GLY C 38 -16.87 -9.35 2.71
C GLY C 38 -17.57 -10.57 2.14
N ASN C 39 -17.18 -10.92 0.94
CA ASN C 39 -17.79 -12.01 0.19
C ASN C 39 -17.10 -13.32 0.52
N ALA C 40 -17.34 -13.78 1.72
CA ALA C 40 -16.61 -14.86 2.33
C ALA C 40 -17.53 -15.61 3.27
N GLU C 41 -17.42 -16.92 3.24
CA GLU C 41 -18.22 -17.79 4.09
C GLU C 41 -17.39 -18.97 4.55
N SER C 42 -17.39 -19.26 5.85
CA SER C 42 -16.64 -20.40 6.36
C SER C 42 -15.11 -20.26 6.24
N ARG C 43 -14.39 -21.34 6.34
CA ARG C 43 -12.95 -21.33 6.45
C ARG C 43 -12.28 -21.47 5.09
N TYR C 44 -11.19 -20.72 4.93
CA TYR C 44 -10.32 -20.83 3.72
C TYR C 44 -8.92 -21.28 4.07
N VAL C 45 -8.26 -21.93 3.11
CA VAL C 45 -6.90 -22.36 3.32
C VAL C 45 -5.95 -21.17 3.39
N LEU C 46 -5.01 -21.21 4.35
CA LEU C 46 -3.94 -20.23 4.55
C LEU C 46 -2.65 -20.95 4.33
N THR C 47 -1.74 -20.30 3.61
CA THR C 47 -0.36 -20.81 3.55
C THR C 47 0.55 -19.58 3.58
N GLY C 48 1.67 -19.72 4.28
CA GLY C 48 2.62 -18.63 4.39
C GLY C 48 3.99 -19.04 4.88
N ARG C 49 4.81 -18.02 5.16
CA ARG C 49 6.14 -18.22 5.72
C ARG C 49 6.44 -17.23 6.83
N TYR C 50 7.35 -17.61 7.69
CA TYR C 50 7.88 -16.76 8.70
C TYR C 50 9.39 -16.97 8.85
N ASP C 51 10.04 -16.00 9.48
CA ASP C 51 11.47 -16.05 9.78
C ASP C 51 11.67 -16.99 11.00
N SER C 52 12.20 -18.18 10.74
CA SER C 52 12.36 -19.21 11.79
C SER C 52 13.61 -19.02 12.68
N ALA C 53 14.43 -18.00 12.38
CA ALA C 53 15.56 -17.63 13.27
C ALA C 53 15.64 -16.09 13.35
N PRO C 54 14.70 -15.48 14.09
CA PRO C 54 14.61 -14.04 14.10
C PRO C 54 15.71 -13.46 14.95
N ALA C 55 15.91 -12.12 14.82
CA ALA C 55 16.87 -11.42 15.66
C ALA C 55 16.41 -11.52 17.11
N THR C 56 17.39 -11.56 18.04
CA THR C 56 17.13 -11.68 19.48
C THR C 56 17.40 -10.37 20.21
N ASP C 57 17.32 -9.25 19.49
CA ASP C 57 17.63 -7.90 20.02
C ASP C 57 16.33 -7.15 20.42
N GLY C 58 15.23 -7.87 20.45
CA GLY C 58 13.93 -7.24 20.76
C GLY C 58 13.08 -7.03 19.52
N SER C 59 13.61 -7.40 18.36
CA SER C 59 12.86 -7.26 17.13
C SER C 59 11.72 -8.26 17.03
N GLY C 60 10.68 -7.92 16.27
CA GLY C 60 9.62 -8.89 15.97
C GLY C 60 10.09 -9.91 14.95
N THR C 61 9.22 -10.86 14.67
CA THR C 61 9.52 -11.94 13.70
C THR C 61 8.71 -11.69 12.41
N ALA C 62 9.40 -11.47 11.28
CA ALA C 62 8.70 -11.21 10.04
C ALA C 62 7.92 -12.45 9.55
N LEU C 63 6.73 -12.19 8.97
CA LEU C 63 5.89 -13.23 8.45
C LEU C 63 4.96 -12.73 7.36
N GLY C 64 4.34 -13.68 6.67
CA GLY C 64 3.42 -13.36 5.60
C GLY C 64 2.54 -14.56 5.29
N TRP C 65 1.30 -14.31 4.90
CA TRP C 65 0.50 -15.41 4.38
C TRP C 65 -0.46 -14.96 3.31
N THR C 66 -1.03 -15.95 2.62
CA THR C 66 -1.94 -15.75 1.50
C THR C 66 -3.18 -16.61 1.76
N VAL C 67 -4.33 -16.07 1.36
CA VAL C 67 -5.62 -16.78 1.27
C VAL C 67 -6.18 -16.47 -0.11
N ALA C 68 -6.54 -17.51 -0.87
CA ALA C 68 -7.46 -17.35 -2.01
C ALA C 68 -8.88 -17.63 -1.60
N TRP C 69 -9.77 -16.72 -1.99
CA TRP C 69 -11.13 -16.71 -1.42
C TRP C 69 -12.05 -17.64 -2.20
N LYS C 70 -11.58 -18.87 -2.31
CA LYS C 70 -12.31 -20.02 -2.86
C LYS C 70 -12.26 -21.15 -1.84
N ASN C 71 -13.44 -21.61 -1.44
CA ASN C 71 -13.53 -22.82 -0.60
C ASN C 71 -14.72 -23.65 -1.10
N ASN C 72 -15.20 -24.62 -0.33
CA ASN C 72 -16.35 -25.44 -0.82
C ASN C 72 -17.71 -24.71 -0.76
N SER C 73 -17.72 -23.53 -0.16
CA SER C 73 -18.97 -22.76 0.05
C SER C 73 -19.07 -21.65 -1.00
N LYS C 74 -17.95 -21.03 -1.38
CA LYS C 74 -17.99 -19.77 -2.12
C LYS C 74 -16.71 -19.52 -2.89
N ASN C 75 -16.79 -18.77 -3.99
CA ASN C 75 -15.63 -18.24 -4.69
C ASN C 75 -15.78 -16.77 -5.08
N ALA C 76 -14.95 -15.93 -4.46
CA ALA C 76 -15.04 -14.50 -4.64
C ALA C 76 -13.98 -13.99 -5.63
N HIS C 77 -13.34 -14.93 -6.34
CA HIS C 77 -12.40 -14.61 -7.39
C HIS C 77 -11.41 -13.53 -6.97
N SER C 78 -10.71 -13.81 -5.88
CA SER C 78 -9.81 -12.83 -5.29
C SER C 78 -8.87 -13.54 -4.34
N ALA C 79 -7.77 -12.88 -3.99
CA ALA C 79 -6.77 -13.41 -3.07
C ALA C 79 -6.23 -12.25 -2.25
N THR C 80 -5.94 -12.53 -0.99
CA THR C 80 -5.39 -11.54 -0.10
C THR C 80 -4.05 -12.09 0.43
N THR C 81 -3.09 -11.19 0.57
CA THR C 81 -1.85 -11.47 1.23
C THR C 81 -1.69 -10.48 2.42
N TRP C 82 -1.15 -10.98 3.49
CA TRP C 82 -0.88 -10.20 4.72
C TRP C 82 0.66 -10.29 4.94
N SER C 83 1.30 -9.17 5.16
CA SER C 83 2.70 -9.09 5.44
C SER C 83 2.81 -8.37 6.77
N GLY C 84 3.64 -8.88 7.66
CA GLY C 84 3.78 -8.19 8.91
C GLY C 84 4.78 -8.84 9.87
N GLN C 85 4.52 -8.66 11.16
CA GLN C 85 5.37 -9.26 12.17
C GLN C 85 4.63 -9.69 13.44
N TYR C 86 5.16 -10.74 14.04
CA TYR C 86 4.74 -11.28 15.31
C TYR C 86 5.62 -10.64 16.37
N VAL C 87 4.98 -10.14 17.40
CA VAL C 87 5.61 -9.65 18.60
C VAL C 87 5.08 -10.49 19.73
N GLY C 88 5.98 -11.00 20.55
CA GLY C 88 5.59 -11.95 21.59
C GLY C 88 5.33 -11.24 22.89
N GLY C 89 5.25 -12.00 23.96
CA GLY C 89 5.00 -11.41 25.27
C GLY C 89 3.57 -11.67 25.67
N ALA C 90 3.12 -10.94 26.68
CA ALA C 90 1.81 -11.18 27.28
C ALA C 90 0.71 -10.46 26.53
N ASP C 91 1.06 -9.47 25.70
CA ASP C 91 0.16 -8.91 24.70
C ASP C 91 0.77 -9.22 23.32
N ALA C 92 0.95 -10.52 23.10
CA ALA C 92 1.33 -11.07 21.79
C ALA C 92 0.40 -10.59 20.71
N LYS C 93 0.99 -10.03 19.65
CA LYS C 93 0.21 -9.48 18.56
C LYS C 93 0.85 -9.91 17.28
N ILE C 94 0.05 -9.98 16.21
CA ILE C 94 0.54 -10.02 14.86
C ILE C 94 0.02 -8.76 14.16
N ASN C 95 0.93 -7.90 13.74
CA ASN C 95 0.57 -6.62 13.16
C ASN C 95 0.86 -6.68 11.69
N THR C 96 -0.13 -6.43 10.84
CA THR C 96 0.06 -6.63 9.39
C THR C 96 -0.53 -5.49 8.54
N GLN C 97 -0.09 -5.44 7.30
CA GLN C 97 -0.82 -4.77 6.24
C GLN C 97 -1.20 -5.83 5.19
N TRP C 98 -2.28 -5.59 4.44
CA TRP C 98 -2.74 -6.58 3.50
C TRP C 98 -3.04 -5.97 2.14
N LEU C 99 -3.00 -6.84 1.10
CA LEU C 99 -3.36 -6.48 -0.27
C LEU C 99 -4.34 -7.52 -0.79
N LEU C 100 -5.53 -7.07 -1.17
CA LEU C 100 -6.62 -7.93 -1.69
C LEU C 100 -6.76 -7.64 -3.17
N THR C 101 -6.49 -8.62 -4.01
CA THR C 101 -6.63 -8.42 -5.48
C THR C 101 -7.75 -9.29 -5.98
N SER C 102 -8.62 -8.69 -6.79
CA SER C 102 -9.65 -9.39 -7.53
C SER C 102 -9.21 -9.67 -8.94
N GLY C 103 -9.63 -10.80 -9.51
CA GLY C 103 -9.48 -10.98 -10.96
C GLY C 103 -10.37 -9.94 -11.62
N THR C 104 -9.84 -9.24 -12.60
CA THR C 104 -10.61 -8.25 -13.32
C THR C 104 -10.28 -8.32 -14.85
N THR C 105 -11.14 -7.76 -15.67
CA THR C 105 -10.73 -7.44 -17.03
C THR C 105 -9.64 -6.39 -17.03
N ASN C 106 -8.99 -6.23 -18.17
CA ASN C 106 -7.96 -5.22 -18.27
C ASN C 106 -8.54 -3.82 -18.08
N ALA C 107 -9.80 -3.59 -18.45
CA ALA C 107 -10.35 -2.24 -18.28
C ALA C 107 -10.43 -1.85 -16.80
N ASN C 108 -10.57 -2.86 -15.94
CA ASN C 108 -10.73 -2.62 -14.55
C ASN C 108 -9.50 -2.91 -13.70
N ALA C 109 -8.38 -3.24 -14.30
CA ALA C 109 -7.20 -3.67 -13.56
C ALA C 109 -6.70 -2.55 -12.65
N TRP C 110 -6.91 -1.30 -13.02
CA TRP C 110 -6.41 -0.19 -12.24
C TRP C 110 -7.01 -0.20 -10.84
N LYS C 111 -8.25 -0.74 -10.75
CA LYS C 111 -8.96 -0.86 -9.43
C LYS C 111 -9.05 -2.29 -8.88
N SER C 112 -8.08 -3.14 -9.20
CA SER C 112 -8.15 -4.54 -8.83
C SER C 112 -7.72 -4.77 -7.37
N THR C 113 -7.04 -3.80 -6.77
CA THR C 113 -6.29 -4.11 -5.51
C THR C 113 -6.62 -3.14 -4.40
N LEU C 114 -7.18 -3.72 -3.31
CA LEU C 114 -7.46 -3.00 -2.08
C LEU C 114 -6.31 -3.17 -1.07
N VAL C 115 -6.19 -2.21 -0.14
CA VAL C 115 -5.09 -2.21 0.84
C VAL C 115 -5.70 -1.88 2.19
N GLY C 116 -5.16 -2.50 3.24
CA GLY C 116 -5.61 -2.20 4.59
C GLY C 116 -4.61 -2.65 5.62
N HIS C 117 -5.05 -2.54 6.88
CA HIS C 117 -4.20 -3.01 7.99
C HIS C 117 -5.01 -4.02 8.84
N ASP C 118 -4.32 -4.86 9.59
CA ASP C 118 -5.04 -5.85 10.44
C ASP C 118 -4.05 -6.16 11.57
N THR C 119 -4.48 -5.93 12.81
CA THR C 119 -3.79 -6.34 14.00
C THR C 119 -4.58 -7.45 14.70
N PHE C 120 -3.88 -8.54 14.97
CA PHE C 120 -4.48 -9.73 15.55
C PHE C 120 -3.93 -9.95 16.95
N THR C 121 -4.77 -10.49 17.84
CA THR C 121 -4.37 -10.86 19.19
CA THR C 121 -4.37 -10.85 19.19
C THR C 121 -4.58 -12.37 19.31
N LYS C 122 -3.74 -13.03 20.12
CA LYS C 122 -3.80 -14.47 20.27
C LYS C 122 -4.91 -14.80 21.25
N VAL C 123 -5.81 -15.69 20.83
CA VAL C 123 -7.01 -16.03 21.62
C VAL C 123 -6.94 -17.41 22.26
N LYS C 124 -5.91 -18.16 21.93
CA LYS C 124 -5.86 -19.58 22.27
C LYS C 124 -4.53 -20.19 21.77
N PRO C 125 -3.83 -20.92 22.65
CA PRO C 125 -2.55 -21.52 22.24
C PRO C 125 -2.75 -22.74 21.32
N GLY D 1 -6.40 -27.51 -15.51
CA GLY D 1 -7.19 -26.53 -16.29
C GLY D 1 -6.34 -25.37 -16.72
N PRO D 2 -6.94 -24.42 -17.46
CA PRO D 2 -6.28 -23.23 -17.91
C PRO D 2 -5.43 -22.50 -16.88
N ALA D 3 -5.95 -22.29 -15.67
CA ALA D 3 -5.18 -21.55 -14.64
C ALA D 3 -3.95 -22.36 -14.19
N GLU D 4 -4.08 -23.69 -14.05
CA GLU D 4 -2.92 -24.51 -13.60
C GLU D 4 -1.83 -24.50 -14.67
N ALA D 5 -2.23 -24.75 -15.92
CA ALA D 5 -1.31 -24.77 -17.04
C ALA D 5 -0.67 -23.40 -17.24
N GLY D 6 -1.43 -22.34 -17.06
CA GLY D 6 -0.94 -20.98 -17.35
C GLY D 6 0.04 -20.48 -16.31
N ILE D 7 -0.31 -20.66 -15.03
CA ILE D 7 0.56 -20.16 -13.96
C ILE D 7 1.81 -21.00 -13.83
N THR D 8 1.69 -22.31 -14.02
CA THR D 8 2.84 -23.17 -13.84
C THR D 8 3.97 -22.84 -14.80
N GLY D 9 5.18 -22.66 -14.27
CA GLY D 9 6.39 -22.39 -15.08
C GLY D 9 7.35 -21.42 -14.43
N THR D 10 8.15 -20.79 -15.28
CA THR D 10 9.21 -19.88 -14.87
C THR D 10 8.86 -18.44 -15.25
N TRP D 11 9.03 -17.50 -14.31
CA TRP D 11 8.57 -16.13 -14.48
C TRP D 11 9.68 -15.18 -14.13
N SER D 12 9.79 -14.08 -14.87
CA SER D 12 10.83 -13.11 -14.58
C SER D 12 10.33 -11.68 -14.75
N ASP D 13 10.78 -10.76 -13.91
CA ASP D 13 10.50 -9.33 -14.08
C ASP D 13 11.63 -8.57 -14.81
N GLN D 14 11.48 -7.26 -14.97
CA GLN D 14 12.47 -6.47 -15.74
C GLN D 14 13.88 -6.40 -15.14
N LEU D 15 13.97 -6.61 -13.83
CA LEU D 15 15.20 -6.59 -13.11
C LEU D 15 15.88 -7.95 -13.08
N GLY D 16 15.23 -9.00 -13.60
CA GLY D 16 15.79 -10.34 -13.55
C GLY D 16 15.40 -11.08 -12.26
N ASP D 17 14.53 -10.49 -11.45
CA ASP D 17 13.97 -11.29 -10.34
C ASP D 17 13.15 -12.42 -10.97
N THR D 18 13.32 -13.65 -10.46
CA THR D 18 12.79 -14.84 -11.13
C THR D 18 12.15 -15.79 -10.16
N PHE D 19 11.03 -16.41 -10.54
CA PHE D 19 10.53 -17.53 -9.75
C PHE D 19 10.10 -18.70 -10.61
N ILE D 20 10.07 -19.88 -10.03
CA ILE D 20 9.56 -21.04 -10.65
C ILE D 20 8.44 -21.52 -9.80
N VAL D 21 7.28 -21.78 -10.41
CA VAL D 21 6.12 -22.13 -9.64
C VAL D 21 5.35 -23.27 -10.26
N THR D 22 4.77 -24.09 -9.38
CA THR D 22 3.73 -25.06 -9.76
C THR D 22 2.40 -24.72 -9.12
N ALA D 23 1.34 -24.68 -9.94
CA ALA D 23 -0.04 -24.46 -9.47
C ALA D 23 -0.84 -25.74 -9.61
N GLY D 24 -1.48 -26.18 -8.55
CA GLY D 24 -2.22 -27.38 -8.59
C GLY D 24 -2.91 -27.61 -7.28
N ALA D 25 -3.48 -28.80 -7.13
CA ALA D 25 -4.22 -29.18 -5.94
C ALA D 25 -5.29 -28.17 -5.56
N ASP D 26 -6.01 -27.68 -6.57
CA ASP D 26 -7.19 -26.85 -6.39
C ASP D 26 -6.86 -25.60 -5.64
N GLY D 27 -5.73 -24.96 -5.94
CA GLY D 27 -5.46 -23.67 -5.32
C GLY D 27 -4.07 -23.46 -4.73
N ALA D 28 -3.20 -24.47 -4.71
CA ALA D 28 -1.88 -24.32 -4.14
C ALA D 28 -0.82 -23.82 -5.13
N LEU D 29 0.01 -22.90 -4.71
CA LEU D 29 1.25 -22.48 -5.35
C LEU D 29 2.43 -22.90 -4.50
N THR D 30 3.40 -23.51 -5.15
CA THR D 30 4.63 -23.85 -4.49
CA THR D 30 4.61 -23.99 -4.52
C THR D 30 5.76 -23.70 -5.44
N GLY D 31 6.85 -23.16 -4.93
CA GLY D 31 8.01 -22.93 -5.78
C GLY D 31 9.21 -22.34 -5.10
N THR D 32 10.06 -21.71 -5.92
CA THR D 32 11.20 -20.97 -5.39
C THR D 32 11.30 -19.64 -6.11
N TYR D 33 11.84 -18.67 -5.39
CA TYR D 33 11.96 -17.27 -5.78
C TYR D 33 13.43 -16.87 -5.63
N GLU D 34 13.93 -16.12 -6.63
CA GLU D 34 15.33 -15.58 -6.60
C GLU D 34 15.28 -14.10 -6.89
N SER D 35 15.76 -13.29 -5.93
CA SER D 35 15.79 -11.84 -6.09
C SER D 35 17.11 -11.40 -6.66
N ALA D 36 17.09 -10.54 -7.69
CA ALA D 36 18.27 -9.83 -8.21
C ALA D 36 18.76 -8.68 -7.35
N VAL D 37 17.98 -8.26 -6.34
CA VAL D 37 18.29 -7.05 -5.55
C VAL D 37 18.06 -7.34 -4.07
N GLY D 38 18.55 -6.41 -3.25
CA GLY D 38 18.40 -6.51 -1.82
C GLY D 38 19.29 -7.54 -1.15
N ASN D 39 18.94 -7.80 0.11
CA ASN D 39 19.72 -8.63 1.03
C ASN D 39 19.28 -10.07 0.88
N ALA D 40 19.59 -10.62 -0.28
CA ALA D 40 19.10 -11.90 -0.75
C ALA D 40 20.13 -12.56 -1.63
N GLU D 41 20.30 -13.86 -1.49
CA GLU D 41 21.25 -14.63 -2.27
C GLU D 41 20.61 -16.00 -2.49
N SER D 42 20.59 -16.44 -3.75
CA SER D 42 20.20 -17.80 -4.05
C SER D 42 18.69 -17.87 -4.02
N ARG D 43 18.15 -19.07 -3.81
CA ARG D 43 16.69 -19.34 -3.98
C ARG D 43 16.03 -19.47 -2.62
N TYR D 44 14.80 -19.03 -2.55
CA TYR D 44 14.04 -19.00 -1.32
C TYR D 44 12.74 -19.73 -1.58
N VAL D 45 12.19 -20.32 -0.51
CA VAL D 45 10.91 -21.00 -0.64
C VAL D 45 9.78 -20.02 -0.96
N LEU D 46 8.90 -20.39 -1.88
CA LEU D 46 7.68 -19.60 -2.17
C LEU D 46 6.49 -20.50 -1.93
N THR D 47 5.51 -20.00 -1.21
CA THR D 47 4.23 -20.72 -1.09
C THR D 47 3.11 -19.70 -1.28
N GLY D 48 2.02 -20.13 -1.88
CA GLY D 48 0.90 -19.21 -2.14
C GLY D 48 -0.36 -19.94 -2.50
N ARG D 49 -1.33 -19.17 -2.96
CA ARG D 49 -2.64 -19.69 -3.39
C ARG D 49 -3.11 -18.96 -4.66
N TYR D 50 -3.95 -19.63 -5.44
CA TYR D 50 -4.54 -19.01 -6.61
C TYR D 50 -6.03 -19.44 -6.66
N ASP D 51 -6.84 -18.69 -7.44
CA ASP D 51 -8.24 -19.05 -7.66
C ASP D 51 -8.28 -20.17 -8.74
N SER D 52 -8.63 -21.38 -8.34
CA SER D 52 -8.59 -22.54 -9.23
C SER D 52 -9.82 -22.72 -10.07
N ALA D 53 -10.76 -21.79 -9.95
CA ALA D 53 -11.95 -21.76 -10.79
C ALA D 53 -12.27 -20.32 -11.17
N PRO D 54 -11.38 -19.68 -11.95
CA PRO D 54 -11.55 -18.28 -12.21
C PRO D 54 -12.75 -17.95 -13.14
N ALA D 55 -13.17 -16.70 -13.12
CA ALA D 55 -14.26 -16.23 -13.91
C ALA D 55 -13.82 -16.47 -15.33
N THR D 56 -14.79 -16.70 -16.20
CA THR D 56 -14.56 -16.92 -17.63
C THR D 56 -15.12 -15.75 -18.48
N ASP D 57 -15.19 -14.56 -17.90
CA ASP D 57 -15.74 -13.38 -18.57
C ASP D 57 -14.68 -12.44 -19.11
N GLY D 58 -13.43 -12.96 -19.21
CA GLY D 58 -12.26 -12.16 -19.63
C GLY D 58 -11.41 -11.70 -18.43
N SER D 59 -11.88 -11.88 -17.22
CA SER D 59 -11.08 -11.50 -16.07
C SER D 59 -9.80 -12.31 -15.89
N GLY D 60 -8.76 -11.69 -15.32
CA GLY D 60 -7.60 -12.46 -14.80
C GLY D 60 -7.91 -13.39 -13.63
N THR D 61 -6.93 -14.21 -13.28
CA THR D 61 -7.01 -15.19 -12.21
C THR D 61 -6.28 -14.63 -10.98
N ALA D 62 -7.02 -14.41 -9.88
CA ALA D 62 -6.35 -13.88 -8.70
C ALA D 62 -5.37 -14.86 -8.09
N LEU D 63 -4.26 -14.30 -7.55
CA LEU D 63 -3.29 -15.11 -6.86
CA LEU D 63 -3.28 -15.12 -6.88
C LEU D 63 -2.43 -14.30 -5.87
N GLY D 64 -1.72 -15.01 -5.01
CA GLY D 64 -0.79 -14.38 -4.09
C GLY D 64 0.20 -15.36 -3.56
N TRP D 65 1.32 -14.87 -3.05
CA TRP D 65 2.36 -15.75 -2.51
C TRP D 65 3.22 -15.01 -1.53
N THR D 66 4.00 -15.80 -0.80
CA THR D 66 4.81 -15.27 0.31
C THR D 66 6.21 -15.88 0.14
N VAL D 67 7.21 -15.07 0.47
CA VAL D 67 8.61 -15.54 0.60
C VAL D 67 9.15 -14.98 1.91
N ALA D 68 9.64 -15.85 2.78
CA ALA D 68 10.44 -15.35 3.95
C ALA D 68 11.91 -15.39 3.50
N TRP D 69 12.66 -14.32 3.73
CA TRP D 69 14.00 -14.16 3.15
C TRP D 69 15.03 -14.81 4.06
N LYS D 70 14.76 -16.07 4.43
CA LYS D 70 15.75 -16.96 5.07
C LYS D 70 15.91 -18.19 4.20
N ASN D 71 17.16 -18.52 3.90
CA ASN D 71 17.51 -19.78 3.28
C ASN D 71 18.82 -20.26 3.87
N ASN D 72 19.44 -21.23 3.23
CA ASN D 72 20.69 -21.78 3.78
C ASN D 72 21.92 -20.89 3.64
N SER D 73 21.76 -19.82 2.84
CA SER D 73 22.82 -18.85 2.62
C SER D 73 22.69 -17.56 3.46
N LYS D 74 21.47 -17.06 3.64
CA LYS D 74 21.28 -15.69 4.16
C LYS D 74 19.99 -15.64 4.97
N ASN D 75 19.95 -14.75 5.95
CA ASN D 75 18.70 -14.43 6.62
C ASN D 75 18.58 -12.91 6.76
N ALA D 76 17.63 -12.35 6.00
CA ALA D 76 17.36 -10.90 5.99
C ALA D 76 16.22 -10.47 6.93
N HIS D 77 15.77 -11.40 7.79
CA HIS D 77 14.79 -11.11 8.87
C HIS D 77 13.64 -10.30 8.30
N SER D 78 13.09 -10.81 7.21
CA SER D 78 12.05 -10.11 6.48
C SER D 78 11.26 -11.10 5.69
N ALA D 79 10.09 -10.65 5.23
CA ALA D 79 9.22 -11.45 4.43
C ALA D 79 8.47 -10.57 3.48
N THR D 80 8.21 -11.04 2.25
CA THR D 80 7.46 -10.29 1.25
C THR D 80 6.24 -11.12 0.81
N THR D 81 5.10 -10.43 0.63
CA THR D 81 3.97 -11.02 -0.01
C THR D 81 3.62 -10.27 -1.29
N TRP D 82 3.19 -11.01 -2.31
CA TRP D 82 2.75 -10.45 -3.58
C TRP D 82 1.31 -10.82 -3.77
N SER D 83 0.53 -9.84 -4.21
CA SER D 83 -0.90 -10.02 -4.46
CA SER D 83 -0.90 -10.03 -4.48
C SER D 83 -1.14 -9.55 -5.91
N GLY D 84 -1.82 -10.35 -6.73
CA GLY D 84 -2.00 -9.93 -8.09
C GLY D 84 -2.89 -10.80 -8.92
N GLN D 85 -2.65 -10.82 -10.23
CA GLN D 85 -3.47 -11.64 -11.06
C GLN D 85 -2.67 -12.05 -12.29
N TYR D 86 -3.00 -13.25 -12.77
CA TYR D 86 -2.43 -13.87 -13.98
C TYR D 86 -3.39 -13.60 -15.12
N VAL D 87 -2.76 -13.34 -16.28
CA VAL D 87 -3.46 -13.12 -17.54
CA VAL D 87 -3.49 -13.20 -17.52
C VAL D 87 -2.69 -13.95 -18.55
N GLY D 88 -3.39 -14.73 -19.39
CA GLY D 88 -2.74 -15.61 -20.37
C GLY D 88 -2.52 -14.99 -21.74
N GLY D 89 -2.36 -15.84 -22.75
CA GLY D 89 -2.12 -15.40 -24.13
C GLY D 89 -0.62 -15.33 -24.34
N ALA D 90 -0.22 -14.82 -25.49
CA ALA D 90 1.15 -14.92 -25.88
C ALA D 90 2.04 -14.02 -25.03
N ASP D 91 1.50 -12.93 -24.48
CA ASP D 91 2.24 -12.02 -23.60
C ASP D 91 1.69 -12.20 -22.14
N ALA D 92 1.66 -13.45 -21.71
CA ALA D 92 1.16 -13.85 -20.35
C ALA D 92 1.89 -13.05 -19.29
N LYS D 93 1.15 -12.55 -18.30
CA LYS D 93 1.74 -11.76 -17.27
C LYS D 93 1.17 -12.12 -15.94
N ILE D 94 2.02 -11.96 -14.92
CA ILE D 94 1.52 -11.87 -13.54
C ILE D 94 1.81 -10.46 -13.03
N ASN D 95 0.75 -9.68 -12.81
CA ASN D 95 0.86 -8.29 -12.41
C ASN D 95 0.52 -8.24 -10.93
N THR D 96 1.45 -7.73 -10.15
CA THR D 96 1.32 -7.70 -8.67
C THR D 96 1.65 -6.36 -8.03
N GLN D 97 1.20 -6.26 -6.76
CA GLN D 97 1.74 -5.35 -5.82
C GLN D 97 2.27 -6.19 -4.65
N TRP D 98 3.28 -5.68 -4.00
CA TRP D 98 3.93 -6.43 -2.95
C TRP D 98 4.11 -5.55 -1.69
N LEU D 99 4.24 -6.25 -0.57
CA LEU D 99 4.47 -5.69 0.75
C LEU D 99 5.67 -6.45 1.35
N LEU D 100 6.71 -5.75 1.77
CA LEU D 100 7.91 -6.35 2.39
C LEU D 100 8.01 -5.86 3.82
N THR D 101 7.83 -6.77 4.78
CA THR D 101 7.99 -6.36 6.19
C THR D 101 9.29 -6.92 6.76
N SER D 102 10.06 -6.04 7.42
CA SER D 102 11.19 -6.45 8.25
C SER D 102 10.80 -6.59 9.72
N GLY D 103 11.43 -7.56 10.41
CA GLY D 103 11.40 -7.60 11.89
C GLY D 103 12.03 -6.34 12.47
N THR D 104 11.29 -5.64 13.35
CA THR D 104 11.80 -4.40 13.92
C THR D 104 11.49 -4.41 15.38
N THR D 105 12.20 -3.58 16.13
CA THR D 105 11.79 -3.23 17.48
C THR D 105 10.52 -2.42 17.40
N ASN D 106 9.83 -2.31 18.54
CA ASN D 106 8.63 -1.50 18.54
C ASN D 106 8.91 -0.05 18.12
N ALA D 107 10.09 0.48 18.48
CA ALA D 107 10.40 1.87 18.15
C ALA D 107 10.49 2.12 16.66
N ASN D 108 10.84 1.08 15.90
CA ASN D 108 10.97 1.22 14.43
C ASN D 108 9.82 0.55 13.67
N ALA D 109 8.76 0.09 14.36
CA ALA D 109 7.65 -0.60 13.68
C ALA D 109 6.94 0.24 12.62
N TRP D 110 6.93 1.57 12.82
CA TRP D 110 6.26 2.47 11.92
C TRP D 110 6.90 2.38 10.51
N LYS D 111 8.18 2.03 10.43
CA LYS D 111 8.95 1.95 9.13
C LYS D 111 9.36 0.49 8.78
N SER D 112 8.52 -0.44 9.19
CA SER D 112 8.83 -1.88 9.03
C SER D 112 8.45 -2.35 7.63
N THR D 113 7.53 -1.64 6.93
CA THR D 113 6.92 -2.18 5.67
C THR D 113 7.07 -1.31 4.43
N LEU D 114 7.74 -1.91 3.46
CA LEU D 114 7.88 -1.35 2.10
C LEU D 114 6.76 -1.87 1.17
N VAL D 115 6.39 -1.04 0.21
CA VAL D 115 5.46 -1.42 -0.86
C VAL D 115 6.01 -1.16 -2.26
N GLY D 116 5.65 -1.99 -3.24
CA GLY D 116 6.02 -1.76 -4.63
C GLY D 116 5.15 -2.57 -5.56
N HIS D 117 5.52 -2.58 -6.86
CA HIS D 117 4.74 -3.22 -7.87
C HIS D 117 5.72 -4.07 -8.64
N ASP D 118 5.28 -5.16 -9.26
CA ASP D 118 6.22 -6.13 -9.95
C ASP D 118 5.34 -6.73 -11.04
N THR D 119 5.78 -6.63 -12.29
CA THR D 119 5.14 -7.36 -13.38
C THR D 119 6.08 -8.43 -13.89
N PHE D 120 5.59 -9.66 -13.93
CA PHE D 120 6.39 -10.79 -14.37
C PHE D 120 5.88 -11.30 -15.73
N THR D 121 6.82 -11.69 -16.59
CA THR D 121 6.47 -12.36 -17.83
C THR D 121 7.00 -13.80 -17.83
N LYS D 122 6.32 -14.68 -18.56
CA LYS D 122 6.67 -16.09 -18.53
C LYS D 122 7.90 -16.37 -19.40
N VAL D 123 8.83 -17.15 -18.87
CA VAL D 123 10.13 -17.46 -19.50
C VAL D 123 10.08 -18.86 -20.14
N LYS D 124 10.78 -19.03 -21.28
CA LYS D 124 10.94 -20.37 -21.86
C LYS D 124 12.38 -20.79 -22.17
N PRO D 125 12.81 -21.93 -21.58
CA PRO D 125 12.20 -22.62 -20.40
C PRO D 125 13.13 -22.70 -19.18
OAD ZOE E . 5.74 9.32 6.76
SAY ZOE E . 5.21 9.68 8.08
CAO ZOE E . 4.11 8.41 8.45
CAV ZOE E . 4.08 8.32 9.97
NAQ ZOE E . 3.13 9.25 10.56
CAU ZOE E . 3.75 10.18 11.34
OAC ZOE E . 3.18 11.08 11.94
NAR ZOE E . 5.08 9.98 11.34
CAX ZOE E . 5.43 8.83 10.51
CAW ZOE E . 6.31 9.19 9.33
CAN ZOE E . 7.36 10.22 9.62
CAJ ZOE E . 8.41 10.35 8.52
CAI ZOE E . 9.45 11.44 8.89
CAM ZOE E . 10.47 11.74 7.77
CAT ZOE E . 11.41 10.58 7.55
OAB ZOE E . 11.84 9.87 8.49
NAP ZOE E . 11.79 10.40 6.28
CAK ZOE E . 12.86 9.44 5.92
CAG ZOE E . 12.44 8.00 5.79
CAF ZOE E . 13.63 7.01 5.81
CAH ZOE E . 13.52 5.97 6.95
CAL ZOE E . 14.83 5.78 7.73
CAS ZOE E . 14.97 6.74 8.92
OAA ZOE E . 14.14 6.68 9.85
OAE ZOE E . 15.91 7.56 8.99
C1 GOL F . -15.53 28.49 1.92
O1 GOL F . -14.93 28.15 3.19
C2 GOL F . -16.68 27.57 1.60
O2 GOL F . -16.98 26.95 2.83
C3 GOL F . -16.34 26.35 0.80
O3 GOL F . -16.14 25.23 1.68
CD CD G . -15.04 9.02 23.81
CD CD H . -18.99 21.42 2.69
CD CD I . 6.27 21.07 18.56
O1 P6G J . -18.95 12.45 6.62
C2 P6G J . -18.73 12.75 8.01
C3 P6G J . -19.42 11.72 8.89
O4 P6G J . -19.54 12.25 10.20
C5 P6G J . -20.89 12.35 10.70
C6 P6G J . -20.93 12.70 12.20
O7 P6G J . -21.62 13.92 12.54
C8 P6G J . -20.84 15.11 12.61
C9 P6G J . -20.79 15.71 14.03
O10 P6G J . -19.45 15.85 14.54
C11 P6G J . -18.89 17.19 14.54
C12 P6G J . -17.35 17.13 14.62
O13 P6G J . -16.78 17.49 15.90
C14 P6G J . -16.29 16.40 16.69
C15 P6G J . -15.18 16.81 17.66
O16 P6G J . -15.45 16.32 18.97
OAD ZOE K . -7.24 7.25 -7.91
SAY ZOE K . -6.71 7.54 -9.30
CAO ZOE K . -5.42 6.40 -9.57
CAV ZOE K . -5.37 6.14 -11.11
NAQ ZOE K . -4.57 7.18 -11.80
CAU ZOE K . -5.34 7.88 -12.65
OAC ZOE K . -4.95 8.81 -13.33
NAR ZOE K . -6.59 7.42 -12.61
CAX ZOE K . -6.80 6.36 -11.66
CAW ZOE K . -7.76 6.75 -10.48
CAN ZOE K . -8.96 7.56 -10.96
CAJ ZOE K . -10.06 7.64 -9.88
CAI ZOE K . -11.23 8.51 -10.36
CAM ZOE K . -12.29 8.70 -9.26
CAT ZOE K . -13.00 7.43 -8.88
OAB ZOE K . -13.34 6.59 -9.70
NAP ZOE K . -13.33 7.31 -7.58
CAK ZOE K . -14.12 6.20 -7.07
CAG ZOE K . -13.40 4.87 -6.96
CAF ZOE K . -14.29 3.74 -6.47
CAH ZOE K . -14.24 2.54 -7.43
CAL ZOE K . -15.51 2.41 -8.31
CAS ZOE K . -15.52 3.29 -9.55
OAA ZOE K . -16.58 3.33 -10.24
OAE ZOE K . -14.51 3.97 -9.87
CD CD L . 15.03 23.90 -5.68
OAD ZOE M . -8.94 -9.42 2.07
SAY ZOE M . -9.32 -9.63 3.50
CAO ZOE M . -8.66 -8.26 4.34
CAV ZOE M . -9.63 -8.03 5.51
NAQ ZOE M . -9.26 -8.85 6.66
CAU ZOE M . -10.22 -9.77 6.95
OAC ZOE M . -10.07 -10.66 7.77
NAR ZOE M . -11.27 -9.64 6.14
CAX ZOE M . -11.03 -8.61 5.14
CAW ZOE M . -10.98 -9.16 3.72
CAN ZOE M . -12.01 -10.23 3.34
CAJ ZOE M . -12.16 -10.37 1.81
CAI ZOE M . -13.17 -11.47 1.51
CAM ZOE M . -13.25 -11.84 0.01
CAT ZOE M . -13.82 -10.67 -0.75
OAB ZOE M . -14.74 -9.98 -0.35
NAP ZOE M . -13.29 -10.47 -1.94
CAK ZOE M . -13.90 -9.59 -2.91
CAG ZOE M . -13.44 -8.15 -2.81
CAF ZOE M . -14.20 -7.32 -3.85
CAH ZOE M . -14.22 -5.86 -3.46
CAL ZOE M . -15.23 -5.64 -2.34
CAS ZOE M . -16.63 -5.34 -2.84
OAA ZOE M . -16.80 -4.38 -3.61
OAE ZOE M . -17.59 -6.06 -2.46
C1 GOL N . -5.63 -25.63 11.12
O1 GOL N . -7.04 -25.32 11.09
C2 GOL N . -5.33 -26.77 10.17
O2 GOL N . -5.73 -26.36 8.87
C3 GOL N . -3.85 -27.20 10.08
O3 GOL N . -3.73 -28.43 9.32
CD CD O . -18.13 -16.81 -10.00
OAD ZOE P . 10.56 -7.82 -1.29
SAY ZOE P . 11.03 -8.16 -2.62
CAO ZOE P . 10.13 -7.10 -3.65
CAV ZOE P . 11.08 -6.81 -4.80
NAQ ZOE P . 10.94 -7.82 -5.83
CAU ZOE P . 12.04 -8.60 -5.96
OAC ZOE P . 12.15 -9.58 -6.71
NAR ZOE P . 12.99 -8.15 -5.13
CAX ZOE P . 12.51 -7.04 -4.29
CAW ZOE P . 12.53 -7.35 -2.79
CAN ZOE P . 13.75 -8.18 -2.34
CAJ ZOE P . 13.99 -8.24 -0.83
CAI ZOE P . 15.13 -9.17 -0.40
CAM ZOE P . 15.27 -9.19 1.13
CAT ZOE P . 15.66 -7.84 1.77
OAB ZOE P . 16.50 -7.06 1.31
NAP ZOE P . 15.03 -7.56 2.90
CAK ZOE P . 15.35 -6.40 3.71
CAG ZOE P . 14.67 -5.12 3.28
CAF ZOE P . 15.03 -3.98 4.28
CAH ZOE P . 15.61 -2.74 3.59
CAL ZOE P . 16.50 -2.01 4.61
CAS ZOE P . 16.93 -0.65 4.14
OAA ZOE P . 16.08 0.10 3.61
OAE ZOE P . 18.12 -0.31 4.31
C1 GOL Q . -4.78 -30.92 -9.32
O1 GOL Q . -3.56 -30.34 -9.82
C2 GOL Q . -5.86 -30.04 -9.84
O2 GOL Q . -5.74 -29.92 -11.21
C3 GOL Q . -5.50 -28.61 -9.56
O3 GOL Q . -6.68 -27.90 -9.49
CD CD R . 20.74 -11.83 11.83
CD CD S . -8.46 -24.87 -12.45
CD CD T . 20.73 -18.18 -8.61
CD CD U . 4.19 -10.06 -27.73
O1 P6G V . -7.19 -17.76 -17.34
C2 P6G V . -7.62 -16.40 -17.11
C3 P6G V . -6.56 -15.41 -17.60
O4 P6G V . -6.56 -15.16 -19.02
C5 P6G V . -6.32 -16.32 -19.86
C6 P6G V . -6.43 -16.06 -21.40
O7 P6G V . -6.27 -17.31 -22.14
C8 P6G V . -4.93 -17.55 -22.56
C9 P6G V . -4.56 -18.95 -23.05
O10 P6G V . -3.47 -19.58 -22.33
C11 P6G V . -2.19 -18.94 -22.24
C12 P6G V . -1.10 -19.91 -21.74
O13 P6G V . 0.09 -19.27 -21.24
C14 P6G V . 0.77 -18.42 -22.19
C15 P6G V . 2.25 -18.79 -22.30
O16 P6G V . 3.11 -17.75 -22.82
#